data_4GS6
#
_entry.id   4GS6
#
_cell.length_a   58.138
_cell.length_b   133.867
_cell.length_c   142.129
_cell.angle_alpha   90.00
_cell.angle_beta   90.00
_cell.angle_gamma   90.00
#
_symmetry.space_group_name_H-M   'I 2 2 2'
#
loop_
_entity.id
_entity.type
_entity.pdbx_description
1 polymer 'Tak1-Tab1 fusion protein'
2 non-polymer 1,2-ETHANEDIOL
3 non-polymer (3S,5Z,8S,9S,11E)-8,9,16-trihydroxy-14-methoxy-3-methyl-3,4,9,10-tetrahydro-1H-2-benzoxacyclotetradecine-1,7(8H)-dione
4 water water
#
_entity_poly.entity_id   1
_entity_poly.type   'polypeptide(L)'
_entity_poly.pdbx_seq_one_letter_code
;GSLHMIDYKEIEVEEVVGRGAFGVVCKAKWRAKDVAIKQIESESERKAFIVELRQLSRVNHPNIVKLYGACLNPVCLVME
YAEGGSLYNVLHGAEPLPYYTAAHAMSWCLQCSQGVAYLHSMQPKALIHRDLKPPNLLLVAGGTVLKICDFGTACDIQTH
MTNNKGSAAWMAPEVFEGSNYSEKCDVFSWGIILWEVITRRKPFDEIGGPAFRIMWAVHNGTRPPLIKNLPKPIESLMTR
CWSKDPSQRPSMEEIVKIMTHLMRYFPGADEPLQYPCQHSLPPGEDGRVEPYVDFAEFYRLWSVDHGEQSVVTAP
;
_entity_poly.pdbx_strand_id   A
#
loop_
_chem_comp.id
_chem_comp.type
_chem_comp.name
_chem_comp.formula
1FM non-polymer (3S,5Z,8S,9S,11E)-8,9,16-trihydroxy-14-methoxy-3-methyl-3,4,9,10-tetrahydro-1H-2-benzoxacyclotetradecine-1,7(8H)-dione 'C19 H22 O7'
EDO non-polymer 1,2-ETHANEDIOL 'C2 H6 O2'
#
# COMPACT_ATOMS: atom_id res chain seq x y z
N GLY A 1 -15.49 -4.01 -19.30
CA GLY A 1 -15.88 -3.47 -18.00
C GLY A 1 -16.82 -2.27 -18.16
N SER A 2 -17.85 -2.17 -17.28
CA SER A 2 -18.83 -1.09 -17.32
C SER A 2 -18.79 -0.17 -16.11
N LEU A 3 -19.24 1.09 -16.28
CA LEU A 3 -19.29 2.12 -15.22
C LEU A 3 -20.53 2.99 -15.32
N HIS A 4 -21.02 3.46 -14.16
CA HIS A 4 -22.17 4.34 -14.03
C HIS A 4 -21.90 5.73 -14.63
N MET A 5 -22.93 6.35 -15.21
CA MET A 5 -22.86 7.70 -15.75
C MET A 5 -23.62 8.56 -14.76
N ILE A 6 -22.90 9.45 -14.07
CA ILE A 6 -23.44 10.24 -12.97
C ILE A 6 -23.47 11.74 -13.25
N ASP A 7 -24.54 12.41 -12.76
CA ASP A 7 -24.72 13.86 -12.84
C ASP A 7 -24.01 14.42 -11.60
N TYR A 8 -23.26 15.51 -11.76
CA TYR A 8 -22.57 16.17 -10.64
C TYR A 8 -23.61 16.71 -9.62
N LYS A 9 -24.84 17.02 -10.10
CA LYS A 9 -26.03 17.48 -9.36
C LYS A 9 -26.49 16.44 -8.33
N GLU A 10 -26.29 15.14 -8.63
CA GLU A 10 -26.62 13.98 -7.76
C GLU A 10 -25.63 13.87 -6.58
N ILE A 11 -24.45 14.53 -6.71
CA ILE A 11 -23.37 14.50 -5.72
C ILE A 11 -23.34 15.73 -4.80
N GLU A 12 -23.38 15.47 -3.48
CA GLU A 12 -23.26 16.47 -2.42
C GLU A 12 -21.79 16.46 -1.94
N VAL A 13 -20.92 17.23 -2.63
CA VAL A 13 -19.50 17.36 -2.35
C VAL A 13 -19.26 17.92 -0.95
N GLU A 14 -18.68 17.11 -0.05
CA GLU A 14 -18.36 17.51 1.32
C GLU A 14 -16.90 18.03 1.37
N GLU A 15 -16.14 17.69 2.43
CA GLU A 15 -14.77 18.17 2.63
C GLU A 15 -13.67 17.38 1.92
N VAL A 16 -12.55 18.06 1.62
CA VAL A 16 -11.33 17.49 1.02
C VAL A 16 -10.78 16.47 2.02
N VAL A 17 -10.54 15.23 1.56
CA VAL A 17 -9.99 14.14 2.38
C VAL A 17 -8.52 13.78 2.03
N GLY A 18 -7.98 14.43 1.00
CA GLY A 18 -6.61 14.24 0.54
C GLY A 18 -6.35 14.73 -0.86
N ARG A 19 -5.08 14.56 -1.34
CA ARG A 19 -4.64 14.94 -2.70
C ARG A 19 -3.60 13.93 -3.21
N GLY A 20 -3.85 13.38 -4.41
CA GLY A 20 -2.99 12.37 -5.01
C GLY A 20 -2.07 12.85 -6.11
N ALA A 21 -1.73 11.92 -7.06
CA ALA A 21 -0.86 12.16 -8.22
C ALA A 21 -1.42 13.29 -9.09
N PHE A 22 -2.74 13.22 -9.37
CA PHE A 22 -3.51 14.22 -10.12
C PHE A 22 -4.87 14.39 -9.42
N GLY A 23 -5.47 15.57 -9.55
CA GLY A 23 -6.76 15.90 -8.94
C GLY A 23 -6.74 16.05 -7.44
N VAL A 24 -7.94 16.07 -6.83
CA VAL A 24 -8.20 16.21 -5.38
C VAL A 24 -9.28 15.21 -4.92
N VAL A 25 -9.17 14.66 -3.69
CA VAL A 25 -10.15 13.71 -3.16
C VAL A 25 -11.02 14.37 -2.09
N CYS A 26 -12.34 14.35 -2.30
CA CYS A 26 -13.31 14.88 -1.34
C CYS A 26 -14.22 13.77 -0.84
N LYS A 27 -14.75 13.94 0.38
CA LYS A 27 -15.80 13.08 0.92
C LYS A 27 -17.06 13.65 0.25
N ALA A 28 -18.04 12.80 -0.09
CA ALA A 28 -19.25 13.22 -0.79
C ALA A 28 -20.40 12.26 -0.52
N LYS A 29 -21.62 12.66 -0.88
CA LYS A 29 -22.82 11.85 -0.73
C LYS A 29 -23.48 11.66 -2.09
N TRP A 30 -23.65 10.39 -2.50
CA TRP A 30 -24.28 10.01 -3.77
C TRP A 30 -25.22 8.82 -3.57
N ARG A 31 -26.53 9.04 -3.83
CA ARG A 31 -27.63 8.07 -3.67
C ARG A 31 -27.73 7.62 -2.20
N ALA A 32 -27.92 8.62 -1.30
CA ALA A 32 -28.02 8.48 0.17
C ALA A 32 -26.78 7.94 0.90
N LYS A 33 -25.84 7.32 0.16
CA LYS A 33 -24.62 6.73 0.73
C LYS A 33 -23.37 7.62 0.62
N ASP A 34 -22.35 7.33 1.44
CA ASP A 34 -21.06 8.04 1.48
C ASP A 34 -20.11 7.52 0.40
N VAL A 35 -19.52 8.46 -0.36
CA VAL A 35 -18.58 8.19 -1.46
C VAL A 35 -17.30 9.05 -1.35
N ALA A 36 -16.31 8.75 -2.20
CA ALA A 36 -15.08 9.52 -2.33
C ALA A 36 -15.02 10.00 -3.76
N ILE A 37 -14.91 11.32 -3.93
CA ILE A 37 -14.83 11.86 -5.28
C ILE A 37 -13.45 12.40 -5.59
N LYS A 38 -12.91 12.01 -6.74
CA LYS A 38 -11.62 12.49 -7.25
C LYS A 38 -11.97 13.36 -8.43
N GLN A 39 -12.01 14.68 -8.22
CA GLN A 39 -12.38 15.63 -9.27
C GLN A 39 -11.17 16.17 -10.03
N ILE A 40 -11.40 16.58 -11.30
CA ILE A 40 -10.39 17.17 -12.16
C ILE A 40 -10.13 18.63 -11.76
N GLU A 41 -8.84 19.02 -11.68
CA GLU A 41 -8.43 20.38 -11.29
C GLU A 41 -7.87 21.19 -12.46
N SER A 42 -7.30 20.51 -13.48
CA SER A 42 -6.74 21.11 -14.69
C SER A 42 -7.03 20.25 -15.91
N GLU A 43 -7.18 20.88 -17.09
CA GLU A 43 -7.46 20.22 -18.38
C GLU A 43 -6.42 19.15 -18.77
N SER A 44 -5.18 19.27 -18.26
CA SER A 44 -4.07 18.36 -18.52
C SER A 44 -4.26 16.96 -17.91
N GLU A 45 -5.08 16.87 -16.84
CA GLU A 45 -5.39 15.63 -16.10
C GLU A 45 -6.36 14.69 -16.85
N ARG A 46 -7.05 15.20 -17.89
CA ARG A 46 -8.04 14.49 -18.71
C ARG A 46 -7.57 13.12 -19.22
N LYS A 47 -6.37 13.05 -19.83
CA LYS A 47 -5.78 11.81 -20.37
C LYS A 47 -5.58 10.75 -19.28
N ALA A 48 -5.12 11.17 -18.08
CA ALA A 48 -4.90 10.29 -16.94
C ALA A 48 -6.23 9.78 -16.35
N PHE A 49 -7.24 10.68 -16.19
CA PHE A 49 -8.58 10.36 -15.68
C PHE A 49 -9.30 9.34 -16.56
N ILE A 50 -9.13 9.45 -17.92
CA ILE A 50 -9.70 8.55 -18.93
C ILE A 50 -9.04 7.15 -18.85
N VAL A 51 -7.69 7.12 -18.78
CA VAL A 51 -6.92 5.87 -18.67
C VAL A 51 -7.25 5.17 -17.34
N GLU A 52 -7.40 5.94 -16.24
CA GLU A 52 -7.78 5.44 -14.91
C GLU A 52 -9.21 4.86 -14.96
N LEU A 53 -10.09 5.51 -15.76
CA LEU A 53 -11.49 5.12 -15.97
C LEU A 53 -11.62 3.75 -16.64
N ARG A 54 -11.01 3.57 -17.83
CA ARG A 54 -11.01 2.34 -18.61
C ARG A 54 -10.30 1.18 -17.86
N GLN A 55 -9.24 1.49 -17.06
CA GLN A 55 -8.50 0.52 -16.27
C GLN A 55 -9.33 0.05 -15.09
N LEU A 56 -9.85 0.98 -14.27
CA LEU A 56 -10.67 0.69 -13.10
C LEU A 56 -12.06 0.12 -13.42
N SER A 57 -12.53 0.27 -14.70
CA SER A 57 -13.80 -0.29 -15.18
C SER A 57 -13.76 -1.81 -15.25
N ARG A 58 -12.58 -2.38 -15.58
CA ARG A 58 -12.34 -3.83 -15.70
C ARG A 58 -11.84 -4.50 -14.40
N VAL A 59 -11.46 -3.68 -13.40
CA VAL A 59 -10.95 -4.13 -12.10
C VAL A 59 -12.09 -4.37 -11.10
N ASN A 60 -12.20 -5.60 -10.57
CA ASN A 60 -13.19 -6.00 -9.55
C ASN A 60 -12.54 -6.96 -8.56
N HIS A 61 -12.09 -6.43 -7.41
CA HIS A 61 -11.44 -7.25 -6.39
C HIS A 61 -11.70 -6.65 -4.98
N PRO A 62 -11.85 -7.48 -3.90
CA PRO A 62 -12.09 -6.92 -2.55
C PRO A 62 -10.98 -6.04 -1.97
N ASN A 63 -9.74 -6.15 -2.49
CA ASN A 63 -8.58 -5.38 -2.02
C ASN A 63 -8.19 -4.26 -2.95
N ILE A 64 -9.15 -3.80 -3.73
CA ILE A 64 -9.01 -2.68 -4.65
C ILE A 64 -10.22 -1.77 -4.48
N VAL A 65 -9.97 -0.47 -4.31
CA VAL A 65 -10.99 0.56 -4.14
C VAL A 65 -11.97 0.51 -5.32
N LYS A 66 -13.25 0.25 -5.00
CA LYS A 66 -14.36 0.16 -5.96
C LYS A 66 -14.71 1.50 -6.57
N LEU A 67 -14.65 1.59 -7.91
CA LEU A 67 -15.05 2.77 -8.67
C LEU A 67 -16.51 2.55 -9.05
N TYR A 68 -17.45 3.24 -8.37
CA TYR A 68 -18.90 3.16 -8.61
C TYR A 68 -19.28 3.64 -10.00
N GLY A 69 -18.67 4.74 -10.43
CA GLY A 69 -18.91 5.34 -11.73
C GLY A 69 -18.13 6.62 -11.93
N ALA A 70 -18.60 7.47 -12.86
CA ALA A 70 -17.93 8.72 -13.19
C ALA A 70 -18.84 9.73 -13.82
N CYS A 71 -18.46 11.01 -13.72
CA CYS A 71 -19.15 12.13 -14.33
C CYS A 71 -18.24 12.63 -15.43
N LEU A 72 -18.81 13.12 -16.53
CA LEU A 72 -17.98 13.64 -17.62
C LEU A 72 -18.07 15.16 -17.76
N ASN A 73 -18.95 15.78 -16.94
CA ASN A 73 -19.12 17.23 -16.88
C ASN A 73 -19.53 17.72 -15.46
N PRO A 74 -18.54 18.03 -14.58
CA PRO A 74 -17.09 17.95 -14.79
C PRO A 74 -16.56 16.52 -14.60
N VAL A 75 -15.38 16.21 -15.18
CA VAL A 75 -14.74 14.90 -15.07
C VAL A 75 -14.40 14.63 -13.60
N CYS A 76 -14.98 13.56 -13.04
CA CYS A 76 -14.84 13.20 -11.64
C CYS A 76 -15.13 11.71 -11.48
N LEU A 77 -14.31 11.03 -10.65
CA LEU A 77 -14.45 9.60 -10.35
C LEU A 77 -15.16 9.43 -9.02
N VAL A 78 -16.23 8.64 -9.01
CA VAL A 78 -17.04 8.38 -7.83
C VAL A 78 -16.65 6.99 -7.33
N MET A 79 -16.04 6.91 -6.16
CA MET A 79 -15.54 5.66 -5.59
C MET A 79 -16.14 5.38 -4.24
N GLU A 80 -15.83 4.20 -3.68
CA GLU A 80 -16.26 3.85 -2.34
C GLU A 80 -15.45 4.70 -1.37
N TYR A 81 -16.07 5.14 -0.29
CA TYR A 81 -15.40 5.95 0.70
C TYR A 81 -14.70 5.05 1.73
N ALA A 82 -13.36 5.08 1.76
CA ALA A 82 -12.59 4.30 2.72
C ALA A 82 -12.52 5.07 4.03
N GLU A 83 -13.48 4.79 4.93
CA GLU A 83 -13.65 5.47 6.22
C GLU A 83 -12.42 5.52 7.13
N GLY A 84 -11.56 4.50 7.04
CA GLY A 84 -10.34 4.42 7.85
C GLY A 84 -9.14 5.21 7.38
N GLY A 85 -9.28 5.92 6.25
CA GLY A 85 -8.21 6.74 5.69
C GLY A 85 -7.06 5.91 5.14
N SER A 86 -5.92 6.56 4.85
CA SER A 86 -4.74 5.87 4.31
C SER A 86 -3.96 5.06 5.36
N LEU A 87 -3.16 4.12 4.91
CA LEU A 87 -2.28 3.35 5.80
C LEU A 87 -1.15 4.29 6.31
N TYR A 88 -0.69 5.25 5.46
CA TYR A 88 0.32 6.26 5.85
C TYR A 88 -0.14 7.00 7.11
N ASN A 89 -1.42 7.45 7.16
CA ASN A 89 -1.99 8.17 8.30
C ASN A 89 -2.07 7.33 9.59
N VAL A 90 -2.42 6.04 9.45
CA VAL A 90 -2.46 5.07 10.55
C VAL A 90 -1.02 4.87 11.11
N LEU A 91 -0.03 4.72 10.21
CA LEU A 91 1.36 4.50 10.63
C LEU A 91 2.04 5.74 11.16
N HIS A 92 1.99 6.83 10.39
CA HIS A 92 2.77 8.07 10.60
C HIS A 92 1.97 9.37 10.76
N GLY A 93 0.65 9.32 10.81
CA GLY A 93 -0.17 10.53 10.86
C GLY A 93 -0.22 11.28 12.17
N ALA A 94 -1.20 12.20 12.27
CA ALA A 94 -1.38 13.01 13.48
C ALA A 94 -1.75 12.14 14.69
N GLU A 95 -1.18 12.51 15.85
CA GLU A 95 -1.41 11.86 17.12
C GLU A 95 -2.83 12.24 17.60
N PRO A 96 -3.58 11.33 18.29
CA PRO A 96 -3.19 9.99 18.73
C PRO A 96 -3.11 8.99 17.58
N LEU A 97 -2.07 8.18 17.60
CA LEU A 97 -1.89 7.14 16.59
C LEU A 97 -2.45 5.85 17.16
N PRO A 98 -3.09 4.99 16.34
CA PRO A 98 -3.62 3.74 16.89
C PRO A 98 -2.51 2.70 17.21
N TYR A 99 -2.81 1.80 18.15
CA TYR A 99 -1.93 0.68 18.43
C TYR A 99 -2.28 -0.35 17.35
N TYR A 100 -1.30 -1.11 16.91
CA TYR A 100 -1.50 -2.22 15.98
C TYR A 100 -0.50 -3.37 16.28
N THR A 101 -0.88 -4.57 15.86
CA THR A 101 -0.15 -5.80 16.12
C THR A 101 0.57 -6.30 14.90
N ALA A 102 1.46 -7.27 15.12
CA ALA A 102 2.19 -8.04 14.13
C ALA A 102 1.21 -8.67 13.17
N ALA A 103 0.03 -9.09 13.70
CA ALA A 103 -1.05 -9.72 12.93
C ALA A 103 -1.67 -8.74 11.94
N HIS A 104 -1.93 -7.47 12.36
CA HIS A 104 -2.43 -6.39 11.48
C HIS A 104 -1.40 -6.12 10.42
N ALA A 105 -0.10 -5.94 10.79
CA ALA A 105 1.02 -5.67 9.89
C ALA A 105 1.14 -6.73 8.79
N MET A 106 1.10 -8.00 9.14
CA MET A 106 1.20 -9.11 8.18
C MET A 106 -0.07 -9.18 7.32
N SER A 107 -1.25 -8.98 7.96
CA SER A 107 -2.56 -8.98 7.29
C SER A 107 -2.66 -7.90 6.25
N TRP A 108 -2.22 -6.68 6.57
CA TRP A 108 -2.24 -5.56 5.61
C TRP A 108 -1.41 -5.91 4.38
N CYS A 109 -0.25 -6.51 4.58
CA CYS A 109 0.66 -6.90 3.52
C CYS A 109 0.20 -8.05 2.72
N LEU A 110 -0.47 -9.02 3.35
CA LEU A 110 -1.11 -10.11 2.65
C LEU A 110 -2.17 -9.54 1.71
N GLN A 111 -3.08 -8.72 2.23
CA GLN A 111 -4.17 -8.10 1.47
C GLN A 111 -3.67 -7.24 0.30
N CYS A 112 -2.55 -6.53 0.48
CA CYS A 112 -1.95 -5.72 -0.58
C CYS A 112 -1.45 -6.65 -1.71
N SER A 113 -0.80 -7.76 -1.33
CA SER A 113 -0.30 -8.74 -2.30
C SER A 113 -1.43 -9.43 -3.04
N GLN A 114 -2.58 -9.67 -2.37
CA GLN A 114 -3.80 -10.22 -2.99
C GLN A 114 -4.38 -9.32 -4.08
N GLY A 115 -4.43 -8.01 -3.82
CA GLY A 115 -4.91 -7.04 -4.82
C GLY A 115 -3.94 -6.87 -5.97
N VAL A 116 -2.62 -6.82 -5.68
CA VAL A 116 -1.57 -6.69 -6.71
C VAL A 116 -1.47 -7.97 -7.58
N ALA A 117 -1.56 -9.18 -6.96
CA ALA A 117 -1.58 -10.46 -7.72
C ALA A 117 -2.77 -10.48 -8.68
N TYR A 118 -3.94 -9.93 -8.27
CA TYR A 118 -5.12 -9.82 -9.17
C TYR A 118 -4.79 -8.92 -10.38
N LEU A 119 -4.12 -7.77 -10.15
CA LEU A 119 -3.75 -6.84 -11.22
C LEU A 119 -2.76 -7.51 -12.18
N HIS A 120 -1.77 -8.24 -11.63
CA HIS A 120 -0.77 -8.94 -12.42
C HIS A 120 -1.33 -10.16 -13.19
N SER A 121 -2.49 -10.72 -12.77
CA SER A 121 -3.16 -11.87 -13.43
C SER A 121 -4.07 -11.41 -14.60
N MET A 122 -4.18 -10.11 -14.79
CA MET A 122 -5.02 -9.49 -15.80
C MET A 122 -4.73 -9.98 -17.20
N GLN A 123 -5.80 -10.27 -17.95
CA GLN A 123 -5.74 -10.75 -19.33
C GLN A 123 -6.45 -9.75 -20.27
N PRO A 124 -5.93 -9.45 -21.48
CA PRO A 124 -4.72 -10.02 -22.13
C PRO A 124 -3.38 -9.54 -21.57
N LYS A 125 -3.35 -8.34 -20.99
CA LYS A 125 -2.13 -7.74 -20.43
C LYS A 125 -2.27 -7.47 -18.93
N ALA A 126 -1.22 -7.82 -18.16
CA ALA A 126 -1.16 -7.59 -16.73
C ALA A 126 -1.12 -6.08 -16.46
N LEU A 127 -1.82 -5.66 -15.39
CA LEU A 127 -1.78 -4.27 -14.99
C LEU A 127 -0.74 -4.14 -13.89
N ILE A 128 0.18 -3.18 -14.04
CA ILE A 128 1.23 -2.88 -13.07
C ILE A 128 0.72 -1.65 -12.29
N HIS A 129 0.79 -1.68 -10.97
CA HIS A 129 0.37 -0.53 -10.17
C HIS A 129 1.36 0.64 -10.36
N ARG A 130 2.68 0.36 -10.17
CA ARG A 130 3.82 1.29 -10.30
C ARG A 130 3.96 2.33 -9.21
N ASP A 131 2.95 2.48 -8.32
CA ASP A 131 3.04 3.49 -7.25
C ASP A 131 2.54 2.93 -5.91
N LEU A 132 2.98 1.69 -5.58
CA LEU A 132 2.62 1.04 -4.31
C LEU A 132 3.36 1.69 -3.19
N LYS A 133 2.60 2.28 -2.26
CA LYS A 133 3.11 2.98 -1.09
C LYS A 133 1.99 3.23 -0.09
N PRO A 134 2.27 3.38 1.21
CA PRO A 134 1.17 3.59 2.19
C PRO A 134 0.16 4.72 1.94
N PRO A 135 0.47 5.90 1.30
CA PRO A 135 -0.60 6.87 0.98
C PRO A 135 -1.66 6.32 0.00
N ASN A 136 -1.31 5.30 -0.82
CA ASN A 136 -2.17 4.71 -1.85
C ASN A 136 -2.88 3.44 -1.43
N LEU A 137 -2.82 3.12 -0.14
CA LEU A 137 -3.41 1.95 0.48
C LEU A 137 -4.37 2.49 1.51
N LEU A 138 -5.64 2.15 1.37
CA LEU A 138 -6.70 2.66 2.23
C LEU A 138 -7.29 1.56 3.08
N LEU A 139 -7.86 1.95 4.24
CA LEU A 139 -8.39 1.00 5.25
C LEU A 139 -9.87 1.15 5.51
N VAL A 140 -10.55 0.00 5.66
CA VAL A 140 -11.99 -0.07 6.01
C VAL A 140 -12.17 -1.13 7.10
N ALA A 141 -13.41 -1.35 7.55
CA ALA A 141 -13.80 -2.34 8.56
C ALA A 141 -12.94 -2.22 9.84
N GLY A 142 -12.92 -1.02 10.42
CA GLY A 142 -12.16 -0.72 11.63
C GLY A 142 -10.65 -0.83 11.48
N GLY A 143 -10.11 -0.51 10.28
CA GLY A 143 -8.69 -0.59 9.98
C GLY A 143 -8.16 -1.97 9.67
N THR A 144 -9.05 -2.96 9.51
CA THR A 144 -8.68 -4.37 9.27
C THR A 144 -8.61 -4.79 7.82
N VAL A 145 -9.40 -4.14 6.95
CA VAL A 145 -9.48 -4.44 5.52
C VAL A 145 -8.70 -3.38 4.74
N LEU A 146 -7.77 -3.81 3.89
CA LEU A 146 -6.94 -2.92 3.07
C LEU A 146 -7.38 -2.99 1.61
N LYS A 147 -7.43 -1.81 0.96
CA LYS A 147 -7.82 -1.58 -0.41
C LYS A 147 -6.81 -0.67 -1.09
N ILE A 148 -6.32 -1.11 -2.25
CA ILE A 148 -5.39 -0.34 -3.08
C ILE A 148 -6.18 0.70 -3.88
N CYS A 149 -5.65 1.91 -3.96
CA CYS A 149 -6.21 2.92 -4.83
C CYS A 149 -5.09 3.54 -5.69
N ASP A 150 -5.46 4.51 -6.55
CA ASP A 150 -4.59 5.30 -7.42
C ASP A 150 -3.46 4.55 -8.14
N PHE A 151 -3.80 3.81 -9.21
CA PHE A 151 -2.80 3.10 -10.03
C PHE A 151 -1.96 4.14 -10.77
N GLY A 152 -0.64 3.97 -10.75
CA GLY A 152 0.30 4.88 -11.41
C GLY A 152 0.19 4.95 -12.93
N GLY A 166 8.03 12.10 -4.37
CA GLY A 166 7.54 11.60 -3.08
C GLY A 166 7.63 10.09 -2.98
N SER A 167 7.54 9.40 -4.13
CA SER A 167 7.57 7.93 -4.23
C SER A 167 8.95 7.24 -4.34
N ALA A 168 10.08 8.01 -4.37
CA ALA A 168 11.42 7.40 -4.51
C ALA A 168 11.78 6.31 -3.49
N ALA A 169 11.31 6.42 -2.21
CA ALA A 169 11.61 5.47 -1.14
C ALA A 169 11.07 4.06 -1.36
N TRP A 170 10.03 3.88 -2.19
CA TRP A 170 9.42 2.56 -2.52
C TRP A 170 9.66 2.15 -3.98
N MET A 171 10.38 2.97 -4.74
CA MET A 171 10.61 2.75 -6.16
C MET A 171 11.75 1.78 -6.49
N ALA A 172 11.47 0.76 -7.35
CA ALA A 172 12.47 -0.25 -7.76
C ALA A 172 13.60 0.43 -8.53
N PRO A 173 14.89 0.10 -8.29
CA PRO A 173 15.97 0.83 -8.98
C PRO A 173 15.92 0.87 -10.51
N GLU A 174 15.33 -0.15 -11.17
CA GLU A 174 15.23 -0.19 -12.65
C GLU A 174 14.20 0.81 -13.20
N VAL A 175 13.25 1.26 -12.36
CA VAL A 175 12.20 2.20 -12.75
C VAL A 175 12.79 3.61 -12.92
N PHE A 176 13.54 4.10 -11.90
CA PHE A 176 14.18 5.42 -11.95
C PHE A 176 15.42 5.45 -12.83
N GLU A 177 15.92 4.25 -13.15
CA GLU A 177 17.04 4.04 -14.05
C GLU A 177 16.59 4.26 -15.50
N GLY A 178 15.27 4.41 -15.70
CA GLY A 178 14.64 4.57 -17.00
C GLY A 178 14.59 3.25 -17.77
N SER A 179 15.12 2.17 -17.13
CA SER A 179 15.20 0.80 -17.67
C SER A 179 13.83 0.18 -17.92
N ASN A 180 13.80 -0.83 -18.80
CA ASN A 180 12.59 -1.59 -19.10
C ASN A 180 12.26 -2.38 -17.82
N TYR A 181 11.12 -2.04 -17.22
CA TYR A 181 10.66 -2.65 -15.99
C TYR A 181 9.44 -3.55 -16.26
N SER A 182 9.09 -4.40 -15.27
CA SER A 182 7.95 -5.31 -15.31
C SER A 182 7.10 -5.16 -14.03
N GLU A 183 6.18 -6.08 -13.82
CA GLU A 183 5.35 -6.15 -12.63
C GLU A 183 6.21 -6.48 -11.39
N LYS A 184 7.52 -6.80 -11.61
CA LYS A 184 8.47 -7.04 -10.50
C LYS A 184 8.80 -5.74 -9.73
N CYS A 185 8.47 -4.55 -10.29
CA CYS A 185 8.69 -3.26 -9.62
C CYS A 185 7.74 -3.11 -8.44
N ASP A 186 6.51 -3.67 -8.56
CA ASP A 186 5.49 -3.69 -7.51
C ASP A 186 5.93 -4.61 -6.39
N VAL A 187 6.61 -5.70 -6.71
CA VAL A 187 7.18 -6.65 -5.73
C VAL A 187 8.22 -5.93 -4.85
N PHE A 188 9.11 -5.13 -5.47
CA PHE A 188 10.11 -4.34 -4.74
C PHE A 188 9.43 -3.38 -3.70
N SER A 189 8.42 -2.59 -4.16
CA SER A 189 7.63 -1.63 -3.37
C SER A 189 6.96 -2.35 -2.21
N TRP A 190 6.39 -3.55 -2.49
CA TRP A 190 5.74 -4.37 -1.46
C TRP A 190 6.73 -4.74 -0.34
N GLY A 191 7.97 -5.11 -0.70
CA GLY A 191 9.04 -5.46 0.26
C GLY A 191 9.34 -4.29 1.19
N ILE A 192 9.38 -3.05 0.64
CA ILE A 192 9.61 -1.82 1.40
C ILE A 192 8.46 -1.59 2.38
N ILE A 193 7.21 -1.77 1.92
CA ILE A 193 6.00 -1.64 2.75
C ILE A 193 6.02 -2.65 3.90
N LEU A 194 6.43 -3.91 3.63
CA LEU A 194 6.54 -4.92 4.70
C LEU A 194 7.50 -4.44 5.79
N TRP A 195 8.66 -3.85 5.42
CA TRP A 195 9.61 -3.31 6.40
C TRP A 195 8.96 -2.18 7.17
N GLU A 196 8.26 -1.27 6.47
CA GLU A 196 7.63 -0.06 7.00
C GLU A 196 6.53 -0.35 8.02
N VAL A 197 5.68 -1.36 7.76
CA VAL A 197 4.63 -1.75 8.71
C VAL A 197 5.16 -2.44 9.97
N ILE A 198 6.25 -3.24 9.82
CA ILE A 198 6.89 -3.93 10.96
C ILE A 198 7.63 -2.97 11.88
N THR A 199 8.36 -1.99 11.31
CA THR A 199 9.15 -1.01 12.06
C THR A 199 8.37 0.22 12.46
N ARG A 200 7.29 0.57 11.73
CA ARG A 200 6.50 1.80 11.89
C ARG A 200 7.45 3.00 11.68
N ARG A 201 8.39 2.87 10.69
CA ARG A 201 9.36 3.91 10.33
C ARG A 201 9.16 4.21 8.87
N LYS A 202 9.42 5.45 8.48
CA LYS A 202 9.34 5.91 7.09
C LYS A 202 10.63 5.44 6.43
N PRO A 203 10.56 4.67 5.33
CA PRO A 203 11.80 4.20 4.67
C PRO A 203 12.61 5.37 4.15
N PHE A 204 13.92 5.39 4.46
CA PHE A 204 14.90 6.39 4.05
C PHE A 204 14.62 7.82 4.55
N ASP A 205 14.02 7.91 5.72
CA ASP A 205 13.70 9.16 6.39
C ASP A 205 15.00 9.88 6.79
N GLU A 206 16.05 9.11 7.18
CA GLU A 206 17.38 9.59 7.58
C GLU A 206 18.15 10.27 6.42
N ILE A 207 17.91 9.83 5.16
CA ILE A 207 18.50 10.43 3.97
C ILE A 207 17.70 11.69 3.67
N GLY A 208 18.33 12.83 3.77
CA GLY A 208 17.70 14.11 3.49
C GLY A 208 17.35 14.25 2.02
N GLY A 209 16.27 14.95 1.73
CA GLY A 209 15.80 15.22 0.37
C GLY A 209 16.82 16.03 -0.41
N PRO A 210 16.67 16.20 -1.74
CA PRO A 210 15.58 15.73 -2.64
C PRO A 210 15.64 14.24 -2.99
N ALA A 211 14.67 13.80 -3.82
CA ALA A 211 14.47 12.43 -4.29
C ALA A 211 15.70 11.77 -4.89
N PHE A 212 16.55 12.54 -5.63
CA PHE A 212 17.75 12.00 -6.29
C PHE A 212 18.77 11.37 -5.32
N ARG A 213 18.73 11.80 -4.05
CA ARG A 213 19.61 11.34 -2.99
C ARG A 213 19.19 9.95 -2.52
N ILE A 214 17.86 9.67 -2.51
CA ILE A 214 17.29 8.35 -2.21
C ILE A 214 17.64 7.44 -3.41
N MET A 215 17.33 7.90 -4.65
CA MET A 215 17.60 7.18 -5.91
C MET A 215 19.04 6.76 -6.03
N TRP A 216 19.99 7.69 -5.77
CA TRP A 216 21.42 7.38 -5.79
C TRP A 216 21.76 6.25 -4.82
N ALA A 217 21.32 6.38 -3.55
CA ALA A 217 21.55 5.40 -2.48
C ALA A 217 20.98 4.01 -2.85
N VAL A 218 19.69 3.92 -3.23
CA VAL A 218 19.02 2.68 -3.63
C VAL A 218 19.70 2.02 -4.86
N HIS A 219 20.09 2.85 -5.86
CA HIS A 219 20.78 2.43 -7.07
C HIS A 219 22.17 1.87 -6.75
N ASN A 220 22.77 2.28 -5.61
CA ASN A 220 24.07 1.79 -5.17
C ASN A 220 24.01 0.60 -4.20
N GLY A 221 22.80 0.11 -3.92
CA GLY A 221 22.62 -1.07 -3.07
C GLY A 221 22.02 -0.84 -1.70
N THR A 222 21.84 0.42 -1.29
CA THR A 222 21.25 0.75 0.01
C THR A 222 19.81 0.23 0.08
N ARG A 223 19.49 -0.40 1.21
CA ARG A 223 18.18 -0.95 1.50
C ARG A 223 17.84 -0.56 2.92
N PRO A 224 16.57 -0.63 3.37
CA PRO A 224 16.27 -0.27 4.76
C PRO A 224 17.06 -1.10 5.79
N PRO A 225 17.36 -0.62 7.02
CA PRO A 225 18.15 -1.45 7.95
C PRO A 225 17.43 -2.75 8.34
N LEU A 226 18.23 -3.74 8.72
CA LEU A 226 17.72 -5.04 9.15
C LEU A 226 16.96 -4.87 10.47
N ILE A 227 16.00 -5.76 10.69
CA ILE A 227 15.09 -5.72 11.83
C ILE A 227 15.58 -6.71 12.88
N LYS A 228 15.80 -6.20 14.10
CA LYS A 228 16.27 -7.03 15.22
C LYS A 228 15.19 -8.07 15.57
N ASN A 229 15.57 -9.38 15.60
CA ASN A 229 14.69 -10.50 15.96
C ASN A 229 13.55 -10.79 14.94
N LEU A 230 13.70 -10.32 13.69
CA LEU A 230 12.71 -10.60 12.65
C LEU A 230 12.75 -12.11 12.34
N PRO A 231 11.62 -12.86 12.36
CA PRO A 231 11.66 -14.29 12.00
C PRO A 231 12.33 -14.50 10.65
N LYS A 232 13.28 -15.46 10.59
CA LYS A 232 14.04 -15.80 9.36
C LYS A 232 13.15 -15.98 8.11
N PRO A 233 11.97 -16.66 8.16
CA PRO A 233 11.12 -16.75 6.94
C PRO A 233 10.61 -15.39 6.44
N ILE A 234 10.34 -14.44 7.37
CA ILE A 234 9.89 -13.07 7.01
C ILE A 234 11.08 -12.26 6.46
N GLU A 235 12.24 -12.36 7.10
CA GLU A 235 13.46 -11.70 6.64
C GLU A 235 13.84 -12.14 5.22
N SER A 236 13.76 -13.48 4.93
CA SER A 236 14.10 -13.99 3.61
C SER A 236 13.19 -13.43 2.56
N LEU A 237 11.88 -13.43 2.80
CA LEU A 237 10.88 -12.93 1.85
C LEU A 237 11.15 -11.42 1.57
N MET A 238 11.28 -10.63 2.62
CA MET A 238 11.52 -9.18 2.51
CA MET A 238 11.54 -9.18 2.53
C MET A 238 12.72 -8.84 1.62
N THR A 239 13.90 -9.43 1.91
CA THR A 239 15.14 -9.19 1.18
C THR A 239 15.15 -9.75 -0.25
N ARG A 240 14.39 -10.83 -0.54
CA ARG A 240 14.23 -11.35 -1.91
C ARG A 240 13.48 -10.32 -2.76
N CYS A 241 12.42 -9.70 -2.18
CA CYS A 241 11.58 -8.67 -2.82
C CYS A 241 12.42 -7.44 -3.20
N TRP A 242 13.43 -7.13 -2.39
CA TRP A 242 14.39 -6.02 -2.47
CA TRP A 242 14.21 -5.96 -2.71
C TRP A 242 15.54 -6.21 -3.43
N SER A 243 15.66 -7.39 -4.06
CA SER A 243 16.79 -7.75 -4.92
C SER A 243 16.98 -6.71 -6.00
N LYS A 244 18.25 -6.43 -6.32
CA LYS A 244 18.62 -5.51 -7.39
C LYS A 244 18.12 -6.10 -8.70
N ASP A 245 18.37 -7.41 -8.91
CA ASP A 245 17.97 -8.13 -10.10
C ASP A 245 16.46 -8.48 -9.97
N PRO A 246 15.58 -7.82 -10.79
CA PRO A 246 14.14 -8.09 -10.69
C PRO A 246 13.73 -9.54 -10.92
N SER A 247 14.57 -10.35 -11.61
CA SER A 247 14.31 -11.76 -11.87
C SER A 247 14.50 -12.65 -10.65
N GLN A 248 15.29 -12.20 -9.69
CA GLN A 248 15.44 -12.79 -8.37
C GLN A 248 14.34 -12.48 -7.35
N ARG A 249 13.46 -11.57 -7.67
CA ARG A 249 12.33 -11.24 -6.80
C ARG A 249 11.18 -12.28 -6.98
N PRO A 250 10.43 -12.67 -5.92
CA PRO A 250 9.32 -13.61 -6.16
C PRO A 250 8.19 -12.93 -6.93
N SER A 251 7.28 -13.72 -7.50
CA SER A 251 6.10 -13.18 -8.17
C SER A 251 5.09 -12.85 -7.03
N MET A 252 4.04 -12.06 -7.33
CA MET A 252 3.02 -11.73 -6.33
C MET A 252 2.22 -12.95 -5.92
N GLU A 253 2.01 -13.90 -6.85
CA GLU A 253 1.33 -15.16 -6.60
C GLU A 253 2.04 -15.96 -5.52
N GLU A 254 3.37 -15.99 -5.58
CA GLU A 254 4.22 -16.63 -4.57
C GLU A 254 4.18 -15.87 -3.22
N ILE A 255 4.20 -14.54 -3.22
CA ILE A 255 4.06 -13.73 -1.97
C ILE A 255 2.71 -14.03 -1.33
N VAL A 256 1.61 -14.09 -2.11
CA VAL A 256 0.26 -14.38 -1.58
C VAL A 256 0.27 -15.73 -0.84
N LYS A 257 0.81 -16.78 -1.47
CA LYS A 257 0.91 -18.13 -0.89
C LYS A 257 1.72 -18.15 0.38
N ILE A 258 2.92 -17.57 0.35
CA ILE A 258 3.77 -17.49 1.53
C ILE A 258 3.04 -16.74 2.68
N MET A 259 2.53 -15.54 2.40
CA MET A 259 1.85 -14.71 3.38
C MET A 259 0.60 -15.38 3.96
N THR A 260 -0.17 -16.11 3.12
CA THR A 260 -1.36 -16.89 3.50
C THR A 260 -0.99 -17.95 4.53
N HIS A 261 0.09 -18.71 4.26
CA HIS A 261 0.60 -19.75 5.15
C HIS A 261 1.15 -19.16 6.45
N LEU A 262 1.78 -17.99 6.39
CA LEU A 262 2.32 -17.33 7.58
C LEU A 262 1.25 -16.84 8.55
N MET A 263 0.02 -16.50 8.07
CA MET A 263 -1.11 -16.01 8.89
C MET A 263 -1.61 -16.97 9.98
N ARG A 264 -1.30 -18.26 9.83
CA ARG A 264 -1.62 -19.30 10.81
C ARG A 264 -0.91 -18.96 12.16
N TYR A 265 0.25 -18.23 12.08
CA TYR A 265 1.07 -17.82 13.22
C TYR A 265 0.87 -16.35 13.57
N PHE A 266 -0.16 -15.73 12.93
CA PHE A 266 -0.60 -14.35 13.16
C PHE A 266 -2.12 -14.25 13.38
N PRO A 267 -2.69 -14.87 14.45
CA PRO A 267 -4.12 -14.66 14.71
C PRO A 267 -4.40 -13.24 15.25
N GLY A 268 -5.64 -12.77 15.10
CA GLY A 268 -6.10 -11.48 15.59
C GLY A 268 -6.16 -10.33 14.61
N ALA A 269 -5.96 -10.61 13.32
CA ALA A 269 -5.96 -9.64 12.22
C ALA A 269 -7.34 -8.98 12.03
N ASP A 270 -8.41 -9.62 12.53
CA ASP A 270 -9.80 -9.14 12.47
C ASP A 270 -10.15 -8.20 13.64
N GLU A 271 -9.21 -7.99 14.56
CA GLU A 271 -9.43 -7.08 15.67
C GLU A 271 -9.37 -5.64 15.17
N PRO A 272 -10.45 -4.84 15.30
CA PRO A 272 -10.37 -3.44 14.82
C PRO A 272 -9.31 -2.63 15.57
N LEU A 273 -8.87 -1.50 14.97
CA LEU A 273 -7.90 -0.61 15.60
C LEU A 273 -8.72 0.25 16.57
N GLN A 274 -8.40 0.20 17.85
CA GLN A 274 -9.22 0.93 18.85
C GLN A 274 -8.43 1.48 20.00
N TYR A 275 -7.16 1.05 20.11
CA TYR A 275 -6.30 1.45 21.21
C TYR A 275 -5.40 2.59 20.90
N PRO A 276 -5.24 3.50 21.90
CA PRO A 276 -4.32 4.63 21.73
C PRO A 276 -2.87 4.13 21.84
N CYS A 277 -1.94 4.91 21.34
CA CYS A 277 -0.55 4.49 21.32
C CYS A 277 0.37 5.64 21.56
N GLN A 278 1.36 5.45 22.42
CA GLN A 278 2.35 6.47 22.76
C GLN A 278 3.73 5.83 22.79
N HIS A 279 3.83 4.57 22.30
CA HIS A 279 5.07 3.81 22.10
C HIS A 279 5.97 4.69 21.21
N SER A 280 5.29 5.45 20.30
CA SER A 280 5.74 6.43 19.30
C SER A 280 7.00 7.23 19.70
N LEU A 281 8.12 6.52 19.75
CA LEU A 281 9.47 6.99 20.08
C LEU A 281 10.44 6.14 19.25
N PRO A 282 11.25 6.73 18.33
CA PRO A 282 12.21 5.92 17.57
C PRO A 282 13.55 5.75 18.32
N PRO A 283 13.92 4.51 18.78
CA PRO A 283 15.17 4.34 19.55
C PRO A 283 16.49 4.76 18.89
N GLY A 284 17.03 3.97 17.97
CA GLY A 284 18.29 4.28 17.31
C GLY A 284 18.62 3.48 16.06
N GLU A 285 19.75 3.82 15.41
CA GLU A 285 20.21 3.17 14.17
C GLU A 285 21.71 2.76 14.15
N ASP A 286 21.98 1.47 14.44
CA ASP A 286 23.31 0.82 14.48
C ASP A 286 23.41 -0.25 13.36
N GLY A 287 22.76 0.03 12.24
CA GLY A 287 22.67 -0.90 11.11
C GLY A 287 21.48 -1.83 11.28
N ARG A 288 20.86 -1.82 12.50
CA ARG A 288 19.72 -2.64 12.88
C ARG A 288 18.68 -1.87 13.71
N VAL A 289 17.42 -1.99 13.32
CA VAL A 289 16.31 -1.33 14.00
C VAL A 289 15.45 -2.34 14.77
N GLU A 290 14.79 -1.86 15.80
CA GLU A 290 13.89 -2.66 16.59
C GLU A 290 12.53 -2.70 15.84
N PRO A 291 11.80 -3.83 15.81
CA PRO A 291 10.46 -3.78 15.20
C PRO A 291 9.50 -2.98 16.12
N TYR A 292 8.47 -2.37 15.54
CA TYR A 292 7.43 -1.73 16.32
C TYR A 292 6.54 -2.89 16.89
N VAL A 293 6.23 -3.87 16.01
CA VAL A 293 5.40 -5.05 16.34
C VAL A 293 6.22 -6.09 17.16
N ASP A 294 5.54 -7.05 17.81
CA ASP A 294 6.20 -8.02 18.66
C ASP A 294 6.02 -9.45 18.09
N PHE A 295 7.15 -10.16 17.84
CA PHE A 295 7.11 -11.52 17.28
C PHE A 295 7.12 -12.66 18.30
N ALA A 296 7.05 -12.34 19.60
CA ALA A 296 7.03 -13.34 20.66
C ALA A 296 5.95 -14.41 20.46
N GLU A 297 4.73 -13.99 20.07
CA GLU A 297 3.62 -14.91 19.87
C GLU A 297 3.85 -15.76 18.60
N PHE A 298 4.43 -15.16 17.54
CA PHE A 298 4.79 -15.89 16.32
C PHE A 298 5.68 -17.05 16.71
N TYR A 299 6.77 -16.77 17.44
CA TYR A 299 7.77 -17.77 17.84
C TYR A 299 7.18 -18.86 18.67
N ARG A 300 6.19 -18.51 19.50
CA ARG A 300 5.54 -19.48 20.38
C ARG A 300 4.64 -20.40 19.56
N LEU A 301 3.80 -19.81 18.70
CA LEU A 301 2.88 -20.55 17.83
C LEU A 301 3.67 -21.42 16.83
N TRP A 302 4.80 -20.89 16.31
CA TRP A 302 5.70 -21.62 15.41
C TRP A 302 6.27 -22.87 16.11
N SER A 303 6.75 -22.75 17.39
CA SER A 303 7.29 -23.86 18.20
C SER A 303 6.27 -24.97 18.43
N VAL A 304 4.99 -24.63 18.68
CA VAL A 304 3.94 -25.63 18.92
C VAL A 304 3.82 -26.59 17.70
N ASP A 305 3.77 -26.03 16.49
CA ASP A 305 3.69 -26.79 15.23
C ASP A 305 4.93 -27.55 14.91
N HIS A 306 6.11 -26.94 15.08
CA HIS A 306 7.40 -27.52 14.70
C HIS A 306 8.10 -28.37 15.77
N GLY A 307 8.29 -27.80 16.95
CA GLY A 307 8.94 -28.47 18.08
C GLY A 307 9.76 -27.52 18.95
C1 EDO B . -7.36 5.24 18.01
O1 EDO B . -8.68 4.78 17.83
C2 EDO B . -7.19 5.46 19.49
O2 EDO B . -6.18 6.42 19.67
C1 EDO C . 10.90 -19.28 12.33
O1 EDO C . 11.73 -18.61 13.25
C2 EDO C . 11.70 -20.40 11.61
O2 EDO C . 13.01 -19.98 11.31
C1 EDO D . -8.67 -9.61 7.46
O1 EDO D . -9.66 -9.35 6.48
C2 EDO D . -9.36 -10.06 8.75
O2 EDO D . -10.32 -9.10 9.12
C1 EDO E . 10.54 -15.98 -9.32
O1 EDO E . 9.44 -16.79 -9.76
C2 EDO E . 11.43 -16.66 -8.25
O2 EDO E . 12.67 -15.95 -8.23
C1 EDO F . 10.47 9.08 3.91
O1 EDO F . 9.73 7.88 3.61
C2 EDO F . 11.48 9.36 2.75
O2 EDO F . 10.79 9.25 1.52
C1 EDO G . 2.53 -10.44 20.88
O1 EDO G . 3.59 -11.07 20.15
C2 EDO G . 1.26 -10.45 19.99
O2 EDO G . 1.47 -9.77 18.76
C1 EDO H . 19.70 -5.96 -3.35
O1 EDO H . 19.75 -6.14 -1.94
C2 EDO H . 20.88 -6.69 -4.03
O2 EDO H . 20.51 -8.03 -4.31
C1 EDO I . -14.25 -0.26 16.29
O1 EDO I . -13.78 -0.90 17.46
C2 EDO I . -13.12 0.56 15.64
O2 EDO I . -12.59 1.50 16.56
C1 EDO J . -8.63 2.98 10.72
O1 EDO J . -9.87 2.70 11.35
C2 EDO J . -8.00 4.20 11.39
O2 EDO J . -7.66 3.86 12.73
C1 EDO K . 8.62 -3.37 21.16
O1 EDO K . 8.17 -4.05 22.33
C2 EDO K . 9.34 -4.37 20.23
O2 EDO K . 8.41 -5.30 19.73
C2 1FM L . -9.85 8.16 -0.02
C3 1FM L . -8.88 9.01 0.58
C11 1FM L . -10.96 7.75 0.75
C14 1FM L . -9.04 9.37 1.91
C15 1FM L . -10.12 8.93 2.66
O15 1FM L . -8.67 8.07 -2.11
C16 1FM L . -11.07 8.12 2.06
C17 1FM L . -6.71 10.21 0.29
C18 1FM L . -6.96 7.56 -3.86
C23 1FM L . -7.71 9.46 -0.18
C24 1FM L . -4.49 9.47 -0.49
C26 1FM L . -9.80 7.67 -1.43
C31 1FM L . -8.41 7.49 -3.44
C34 1FM L . -5.51 10.58 -0.47
O38 1FM L . -10.68 6.94 -1.90
C39 1FM L . -3.63 9.30 -1.74
C40 1FM L . -4.38 8.68 -2.89
O40 1FM L . -4.59 9.51 -3.91
C41 1FM L . -4.75 7.40 -2.82
C42 1FM L . -6.02 6.86 -3.24
O42 1FM L . -3.66 9.54 0.64
O44 1FM L . -3.00 10.52 -2.12
O46 1FM L . -11.93 6.92 0.21
O48 1FM L . -10.34 9.26 4.01
C59 1FM L . -9.43 10.17 4.64
C62 1FM L . -9.32 8.18 -4.43
#